data_6VPL
#
_entry.id   6VPL
#
_cell.length_a   50.637
_cell.length_b   85.562
_cell.length_c   152.934
_cell.angle_alpha   90.00
_cell.angle_beta   90.00
_cell.angle_gamma   90.00
#
_symmetry.space_group_name_H-M   'P 21 21 21'
#
loop_
_entity.id
_entity.type
_entity.pdbx_description
1 polymer 'TPX2 fragment - Aurora A kinase domain fusion'
2 non-polymer 'MAGNESIUM ION'
3 non-polymer 'PHOSPHOAMINOPHOSPHONIC ACID-ADENYLATE ESTER'
4 non-polymer 'MALONIC ACID'
5 non-polymer N~2~-{(2R)-2-hydroxy-2-[4-(trifluoromethyl)phenyl]acetyl}-N-[(pyridin-2-yl)methyl]-L-cysteinamide
6 non-polymer GLYCEROL
7 water water
#
_entity_poly.entity_id   1
_entity_poly.type   'polypeptide(L)'
_entity_poly.pdbx_seq_one_letter_code
;GAHMSYSYDAPSDFINFSSKQKNEESKKRQWALEDFEIGRPLGKGKFGNVYLAREKQSKFILALKVLFKAQLEKAGVEHQ
LRREVEIQSHLRHPNILRLYGYFHDATRVYLILEYAPLGTVYRELQKLSKFDEQRTATYITELANALSYCHSKRVIHRDI
KPENLLLGSAGELKIADFGWSVHAPSSRRT(TPO)LCGTLDYLPPEMIEGRMHDEKVDLWSLGVLCYEFLVGKPPFEANT
YQETYKRISRVEFTFPDFVTEGARDLISRLLKHNPSQRPMLREVLEHPWITANSSK
;
_entity_poly.pdbx_strand_id   A,B
#
loop_
_chem_comp.id
_chem_comp.type
_chem_comp.name
_chem_comp.formula
ANP non-polymer 'PHOSPHOAMINOPHOSPHONIC ACID-ADENYLATE ESTER' 'C10 H17 N6 O12 P3'
GOL non-polymer GLYCEROL 'C3 H8 O3'
MG non-polymer 'MAGNESIUM ION' 'Mg 2'
MLA non-polymer 'MALONIC ACID' 'C3 H4 O4'
R7D non-polymer N~2~-{(2R)-2-hydroxy-2-[4-(trifluoromethyl)phenyl]acetyl}-N-[(pyridin-2-yl)methyl]-L-cysteinamide 'C18 H18 F3 N3 O3 S'
#
# COMPACT_ATOMS: atom_id res chain seq x y z
N MET A 4 7.74 -12.56 15.38
CA MET A 4 7.14 -12.31 14.06
C MET A 4 6.17 -13.42 13.70
N SER A 5 4.97 -13.04 13.25
CA SER A 5 3.91 -14.01 12.98
C SER A 5 3.98 -14.49 11.54
N TYR A 6 4.06 -15.79 11.36
CA TYR A 6 3.99 -16.36 10.03
C TYR A 6 2.64 -17.03 9.79
N SER A 7 1.60 -16.48 10.41
CA SER A 7 0.22 -16.88 10.19
C SER A 7 -0.38 -15.96 9.13
N TYR A 8 -0.44 -16.43 7.89
CA TYR A 8 -1.00 -15.68 6.77
C TYR A 8 -2.41 -16.17 6.46
N ASP A 9 -3.20 -15.28 5.84
CA ASP A 9 -4.51 -15.64 5.31
C ASP A 9 -4.32 -16.28 3.93
N ALA A 10 -3.73 -17.47 3.97
CA ALA A 10 -3.36 -18.23 2.79
C ALA A 10 -3.41 -19.69 3.16
N PRO A 11 -3.65 -20.58 2.20
CA PRO A 11 -3.79 -22.00 2.54
C PRO A 11 -2.49 -22.65 2.96
N SER A 12 -2.60 -23.52 3.97
CA SER A 12 -1.50 -24.37 4.40
C SER A 12 -1.91 -25.84 4.43
N ASP A 13 -3.07 -26.18 3.89
CA ASP A 13 -3.57 -27.54 3.94
C ASP A 13 -2.96 -28.40 2.83
N PHE A 14 -2.65 -29.65 3.17
CA PHE A 14 -2.20 -30.63 2.19
C PHE A 14 -3.20 -30.80 1.05
N ILE A 15 -2.70 -30.84 -0.17
CA ILE A 15 -3.52 -30.95 -1.37
C ILE A 15 -3.27 -32.30 -2.03
N ASN A 16 -4.34 -32.99 -2.42
CA ASN A 16 -4.21 -34.22 -3.18
C ASN A 16 -4.10 -33.84 -4.65
N PHE A 17 -2.87 -33.84 -5.18
CA PHE A 17 -2.70 -33.43 -6.57
C PHE A 17 -3.14 -34.49 -7.58
N SER A 18 -3.67 -35.63 -7.11
CA SER A 18 -4.23 -36.65 -8.01
C SER A 18 -5.72 -36.41 -8.19
N SER A 19 -6.03 -35.26 -8.80
CA SER A 19 -7.41 -34.90 -9.11
C SER A 19 -7.48 -33.98 -10.32
N LYS A 28 -7.01 -29.51 9.54
CA LYS A 28 -6.80 -30.80 8.90
C LYS A 28 -5.30 -31.02 8.67
N ARG A 29 -4.97 -31.92 7.75
CA ARG A 29 -3.56 -32.21 7.49
C ARG A 29 -2.90 -30.99 6.86
N GLN A 30 -1.87 -30.47 7.51
CA GLN A 30 -1.10 -29.33 7.04
C GLN A 30 0.15 -29.80 6.31
N TRP A 31 0.68 -28.94 5.45
CA TRP A 31 1.91 -29.28 4.73
C TRP A 31 3.06 -29.49 5.70
N ALA A 32 4.00 -30.34 5.30
CA ALA A 32 5.25 -30.51 6.02
C ALA A 32 6.36 -30.70 5.01
N LEU A 33 7.58 -30.30 5.38
CA LEU A 33 8.69 -30.42 4.44
C LEU A 33 8.85 -31.86 3.96
N GLU A 34 8.59 -32.84 4.83
CA GLU A 34 8.76 -34.22 4.40
C GLU A 34 7.71 -34.67 3.39
N ASP A 35 6.75 -33.82 2.99
CA ASP A 35 5.85 -34.17 1.91
C ASP A 35 6.50 -34.11 0.54
N PHE A 36 7.71 -33.54 0.44
CA PHE A 36 8.31 -33.22 -0.84
C PHE A 36 9.66 -33.91 -1.01
N GLU A 37 9.87 -34.48 -2.21
CA GLU A 37 11.23 -34.69 -2.70
C GLU A 37 11.75 -33.38 -3.29
N ILE A 38 13.00 -33.08 -3.03
CA ILE A 38 13.63 -31.88 -3.53
C ILE A 38 14.52 -32.28 -4.69
N GLY A 39 14.53 -31.45 -5.74
CA GLY A 39 15.39 -31.65 -6.90
C GLY A 39 16.39 -30.52 -7.08
N ARG A 40 16.74 -30.20 -8.32
CA ARG A 40 17.79 -29.22 -8.56
C ARG A 40 17.32 -27.81 -8.22
N PRO A 41 18.23 -26.94 -7.76
CA PRO A 41 17.87 -25.53 -7.59
C PRO A 41 17.56 -24.92 -8.93
N LEU A 42 16.47 -24.15 -8.96
CA LEU A 42 16.02 -23.49 -10.17
C LEU A 42 16.49 -22.05 -10.27
N GLY A 43 16.96 -21.48 -9.17
CA GLY A 43 17.36 -20.09 -9.14
C GLY A 43 17.62 -19.64 -7.73
N LYS A 44 18.21 -18.46 -7.62
CA LYS A 44 18.61 -17.88 -6.36
C LYS A 44 17.95 -16.52 -6.19
N GLY A 45 17.70 -16.15 -4.94
CA GLY A 45 17.23 -14.82 -4.60
C GLY A 45 17.97 -14.30 -3.38
N LYS A 46 17.64 -13.06 -3.01
CA LYS A 46 18.28 -12.44 -1.86
C LYS A 46 17.93 -13.14 -0.55
N PHE A 47 16.85 -13.92 -0.54
CA PHE A 47 16.31 -14.46 0.70
C PHE A 47 16.25 -15.99 0.73
N GLY A 48 16.76 -16.66 -0.30
CA GLY A 48 16.74 -18.11 -0.36
C GLY A 48 16.87 -18.58 -1.80
N ASN A 49 16.22 -19.71 -2.09
CA ASN A 49 16.34 -20.34 -3.40
C ASN A 49 15.02 -20.99 -3.78
N VAL A 50 14.89 -21.36 -5.04
CA VAL A 50 13.75 -22.09 -5.57
C VAL A 50 14.25 -23.44 -6.07
N TYR A 51 13.56 -24.51 -5.69
CA TYR A 51 13.93 -25.85 -6.09
C TYR A 51 12.82 -26.49 -6.90
N LEU A 52 13.21 -27.29 -7.88
CA LEU A 52 12.28 -28.27 -8.40
C LEU A 52 11.91 -29.22 -7.27
N ALA A 53 10.65 -29.60 -7.20
CA ALA A 53 10.24 -30.46 -6.12
C ALA A 53 9.09 -31.34 -6.59
N ARG A 54 8.74 -32.30 -5.75
CA ARG A 54 7.72 -33.27 -6.09
C ARG A 54 6.99 -33.67 -4.81
N GLU A 55 5.66 -33.60 -4.83
CA GLU A 55 4.90 -34.10 -3.70
C GLU A 55 4.88 -35.61 -3.77
N LYS A 56 5.13 -36.27 -2.64
CA LYS A 56 5.51 -37.69 -2.64
C LYS A 56 4.33 -38.60 -2.96
N GLN A 57 3.14 -38.33 -2.41
CA GLN A 57 2.03 -39.24 -2.60
C GLN A 57 1.55 -39.25 -4.04
N SER A 58 1.50 -38.08 -4.66
CA SER A 58 0.98 -37.94 -6.01
C SER A 58 2.07 -37.97 -7.07
N LYS A 59 3.32 -37.73 -6.68
CA LYS A 59 4.47 -37.55 -7.58
C LYS A 59 4.33 -36.31 -8.46
N PHE A 60 3.47 -35.37 -8.07
CA PHE A 60 3.23 -34.16 -8.84
C PHE A 60 4.42 -33.20 -8.76
N ILE A 61 4.89 -32.73 -9.92
CA ILE A 61 6.05 -31.84 -9.98
C ILE A 61 5.60 -30.42 -9.71
N LEU A 62 6.39 -29.72 -8.90
CA LEU A 62 6.10 -28.33 -8.57
C LEU A 62 7.42 -27.64 -8.22
N ALA A 63 7.32 -26.39 -7.77
CA ALA A 63 8.48 -25.61 -7.37
C ALA A 63 8.32 -25.24 -5.91
N LEU A 64 9.39 -25.37 -5.14
CA LEU A 64 9.38 -25.00 -3.74
C LEU A 64 10.32 -23.82 -3.54
N LYS A 65 9.77 -22.66 -3.21
CA LYS A 65 10.58 -21.49 -2.90
C LYS A 65 10.85 -21.47 -1.41
N VAL A 66 12.14 -21.36 -1.04
CA VAL A 66 12.56 -21.41 0.36
C VAL A 66 13.15 -20.07 0.74
N LEU A 67 12.55 -19.43 1.74
CA LEU A 67 13.00 -18.13 2.22
C LEU A 67 13.42 -18.25 3.67
N PHE A 68 14.50 -17.57 4.05
CA PHE A 68 15.02 -17.66 5.40
C PHE A 68 14.45 -16.54 6.26
N LYS A 69 13.83 -16.93 7.38
CA LYS A 69 13.17 -15.96 8.25
C LYS A 69 14.13 -14.87 8.73
N ALA A 70 15.36 -15.26 9.13
CA ALA A 70 16.32 -14.27 9.60
C ALA A 70 16.63 -13.24 8.53
N GLN A 71 16.73 -13.66 7.28
CA GLN A 71 17.02 -12.71 6.21
C GLN A 71 15.82 -11.81 5.94
N LEU A 72 14.61 -12.38 5.91
CA LEU A 72 13.40 -11.58 5.72
C LEU A 72 13.26 -10.52 6.81
N GLU A 73 13.43 -10.93 8.07
CA GLU A 73 13.20 -10.01 9.18
C GLU A 73 14.29 -8.94 9.23
N LYS A 74 15.53 -9.29 8.88
CA LYS A 74 16.59 -8.29 8.85
C LYS A 74 16.36 -7.26 7.75
N ALA A 75 15.88 -7.69 6.59
CA ALA A 75 15.57 -6.74 5.52
C ALA A 75 14.27 -6.00 5.74
N GLY A 76 13.49 -6.36 6.75
CA GLY A 76 12.20 -5.74 6.99
C GLY A 76 11.15 -6.01 5.93
N VAL A 77 11.20 -7.16 5.26
CA VAL A 77 10.29 -7.44 4.16
C VAL A 77 9.30 -8.54 4.50
N GLU A 78 9.12 -8.86 5.78
CA GLU A 78 8.26 -9.99 6.11
C GLU A 78 6.79 -9.70 5.82
N HIS A 79 6.34 -8.46 6.07
CA HIS A 79 4.95 -8.16 5.73
C HIS A 79 4.74 -8.08 4.23
N GLN A 80 5.77 -7.77 3.46
CA GLN A 80 5.63 -7.80 2.01
C GLN A 80 5.45 -9.22 1.51
N LEU A 81 6.19 -10.17 2.10
CA LEU A 81 6.01 -11.58 1.74
C LEU A 81 4.61 -12.06 2.12
N ARG A 82 4.16 -11.71 3.32
CA ARG A 82 2.82 -12.08 3.73
C ARG A 82 1.77 -11.62 2.72
N ARG A 83 1.87 -10.36 2.28
CA ARG A 83 0.91 -9.85 1.29
C ARG A 83 1.04 -10.58 -0.04
N GLU A 84 2.26 -10.82 -0.49
CA GLU A 84 2.49 -11.58 -1.72
C GLU A 84 1.81 -12.94 -1.67
N VAL A 85 2.01 -13.68 -0.57
CA VAL A 85 1.43 -15.02 -0.45
C VAL A 85 -0.09 -14.92 -0.37
N GLU A 86 -0.61 -14.02 0.47
CA GLU A 86 -2.06 -13.87 0.57
C GLU A 86 -2.70 -13.51 -0.77
N ILE A 87 -2.10 -12.58 -1.51
CA ILE A 87 -2.70 -12.19 -2.80
C ILE A 87 -2.62 -13.34 -3.80
N GLN A 88 -1.41 -13.87 -4.03
CA GLN A 88 -1.21 -14.82 -5.12
C GLN A 88 -1.92 -16.14 -4.86
N SER A 89 -2.03 -16.56 -3.58
CA SER A 89 -2.66 -17.85 -3.32
C SER A 89 -4.16 -17.85 -3.60
N HIS A 90 -4.77 -16.68 -3.77
CA HIS A 90 -6.19 -16.64 -4.06
C HIS A 90 -6.47 -16.30 -5.52
N LEU A 91 -5.45 -16.33 -6.39
CA LEU A 91 -5.64 -16.11 -7.81
C LEU A 91 -5.62 -17.46 -8.51
N ARG A 92 -6.57 -17.69 -9.42
CA ARG A 92 -6.71 -18.97 -10.11
C ARG A 92 -6.97 -18.68 -11.59
N HIS A 93 -5.91 -18.67 -12.39
CA HIS A 93 -6.02 -18.35 -13.81
C HIS A 93 -4.90 -19.05 -14.58
N PRO A 94 -5.15 -19.53 -15.79
CA PRO A 94 -4.11 -20.33 -16.48
C PRO A 94 -2.88 -19.52 -16.87
N ASN A 95 -2.95 -18.19 -16.90
CA ASN A 95 -1.79 -17.37 -17.20
C ASN A 95 -1.27 -16.63 -15.97
N ILE A 96 -1.59 -17.14 -14.78
CA ILE A 96 -1.02 -16.66 -13.52
C ILE A 96 -0.40 -17.87 -12.82
N LEU A 97 0.86 -17.75 -12.46
CA LEU A 97 1.54 -18.84 -11.76
C LEU A 97 0.83 -19.16 -10.45
N ARG A 98 0.43 -20.43 -10.29
CA ARG A 98 -0.31 -20.82 -9.10
C ARG A 98 0.59 -20.82 -7.86
N LEU A 99 0.04 -20.35 -6.75
CA LEU A 99 0.64 -20.53 -5.42
C LEU A 99 -0.33 -21.42 -4.66
N TYR A 100 0.01 -22.71 -4.56
CA TYR A 100 -0.89 -23.70 -3.97
C TYR A 100 -1.04 -23.52 -2.48
N GLY A 101 0.00 -23.02 -1.82
CA GLY A 101 -0.01 -22.94 -0.37
C GLY A 101 1.37 -22.59 0.14
N TYR A 102 1.45 -22.46 1.46
CA TYR A 102 2.72 -22.16 2.09
C TYR A 102 2.78 -22.89 3.42
N PHE A 103 4.00 -23.02 3.96
CA PHE A 103 4.17 -23.50 5.32
C PHE A 103 5.48 -22.93 5.83
N HIS A 104 5.77 -23.17 7.10
CA HIS A 104 7.00 -22.62 7.65
C HIS A 104 7.51 -23.50 8.79
N ASP A 105 8.81 -23.42 9.04
CA ASP A 105 9.41 -24.12 10.17
C ASP A 105 10.23 -23.10 10.96
N ALA A 106 11.09 -23.59 11.87
CA ALA A 106 11.76 -22.68 12.80
C ALA A 106 12.61 -21.65 12.07
N THR A 107 13.14 -21.98 10.90
CA THR A 107 14.03 -21.06 10.19
C THR A 107 13.58 -20.62 8.82
N ARG A 108 12.57 -21.26 8.21
CA ARG A 108 12.31 -21.02 6.80
C ARG A 108 10.82 -20.88 6.54
N VAL A 109 10.50 -20.13 5.49
CA VAL A 109 9.16 -20.06 4.92
C VAL A 109 9.21 -20.75 3.57
N TYR A 110 8.22 -21.59 3.29
CA TYR A 110 8.17 -22.35 2.05
C TYR A 110 6.95 -21.95 1.24
N LEU A 111 7.15 -21.59 -0.03
CA LEU A 111 6.04 -21.35 -0.95
C LEU A 111 5.95 -22.50 -1.93
N ILE A 112 4.75 -23.10 -2.03
CA ILE A 112 4.51 -24.23 -2.92
C ILE A 112 3.93 -23.69 -4.22
N LEU A 113 4.75 -23.67 -5.27
CA LEU A 113 4.40 -22.97 -6.50
C LEU A 113 4.20 -23.94 -7.66
N GLU A 114 3.36 -23.53 -8.62
CA GLU A 114 3.36 -24.17 -9.93
C GLU A 114 4.75 -24.12 -10.55
N TYR A 115 5.18 -25.24 -11.13
CA TYR A 115 6.44 -25.27 -11.86
C TYR A 115 6.19 -24.87 -13.30
N ALA A 116 6.95 -23.90 -13.80
CA ALA A 116 6.84 -23.45 -15.18
C ALA A 116 8.03 -23.99 -15.97
N PRO A 117 7.83 -24.99 -16.81
CA PRO A 117 8.97 -25.76 -17.33
C PRO A 117 9.78 -25.10 -18.43
N LEU A 118 9.25 -24.06 -19.10
CA LEU A 118 9.91 -23.49 -20.25
C LEU A 118 10.64 -22.19 -19.94
N GLY A 119 10.82 -21.86 -18.67
CA GLY A 119 11.66 -20.75 -18.30
C GLY A 119 10.94 -19.41 -18.37
N THR A 120 11.74 -18.34 -18.44
CA THR A 120 11.23 -16.98 -18.48
C THR A 120 11.22 -16.44 -19.91
N VAL A 121 10.34 -15.47 -20.13
CA VAL A 121 10.38 -14.69 -21.36
C VAL A 121 11.70 -13.93 -21.47
N TYR A 122 12.22 -13.48 -20.32
CA TYR A 122 13.54 -12.85 -20.28
C TYR A 122 14.59 -13.70 -21.00
N ARG A 123 14.68 -14.98 -20.65
CA ARG A 123 15.66 -15.86 -21.28
C ARG A 123 15.32 -16.11 -22.74
N GLU A 124 14.02 -16.18 -23.07
CA GLU A 124 13.64 -16.38 -24.46
C GLU A 124 14.08 -15.19 -25.32
N LEU A 125 13.99 -13.98 -24.78
CA LEU A 125 14.46 -12.80 -25.52
C LEU A 125 15.98 -12.80 -25.68
N GLN A 126 16.70 -13.33 -24.69
CA GLN A 126 18.15 -13.46 -24.83
C GLN A 126 18.49 -14.41 -25.96
N LYS A 127 17.71 -15.48 -26.10
CA LYS A 127 17.96 -16.52 -27.09
C LYS A 127 17.60 -16.06 -28.50
N LEU A 128 16.49 -15.32 -28.66
CA LEU A 128 15.98 -14.98 -29.97
C LEU A 128 16.19 -13.54 -30.37
N SER A 129 16.67 -12.68 -29.45
CA SER A 129 16.80 -11.24 -29.67
C SER A 129 15.43 -10.55 -29.70
N LYS A 130 14.55 -10.92 -30.63
CA LYS A 130 13.22 -10.32 -30.68
C LYS A 130 12.22 -11.32 -31.24
N PHE A 131 10.94 -11.02 -31.05
CA PHE A 131 9.84 -11.91 -31.42
C PHE A 131 9.12 -11.42 -32.68
N ASP A 132 8.57 -12.35 -33.46
CA ASP A 132 7.73 -11.94 -34.57
C ASP A 132 6.38 -11.44 -34.04
N GLU A 133 5.57 -10.91 -34.95
CA GLU A 133 4.32 -10.27 -34.55
C GLU A 133 3.31 -11.26 -33.98
N GLN A 134 3.32 -12.50 -34.47
CA GLN A 134 2.33 -13.46 -33.99
C GLN A 134 2.67 -13.92 -32.59
N ARG A 135 3.95 -14.21 -32.33
CA ARG A 135 4.36 -14.58 -30.97
C ARG A 135 4.13 -13.43 -30.00
N THR A 136 4.39 -12.21 -30.44
CA THR A 136 4.18 -11.04 -29.58
C THR A 136 2.71 -10.84 -29.26
N ALA A 137 1.86 -10.83 -30.29
CA ALA A 137 0.43 -10.58 -30.08
C ALA A 137 -0.21 -11.69 -29.26
N THR A 138 0.26 -12.93 -29.44
CA THR A 138 -0.24 -14.03 -28.60
C THR A 138 0.12 -13.80 -27.14
N TYR A 139 1.38 -13.42 -26.86
CA TYR A 139 1.79 -13.12 -25.48
C TYR A 139 0.95 -11.99 -24.89
N ILE A 140 0.69 -10.95 -25.68
CA ILE A 140 -0.05 -9.80 -25.17
C ILE A 140 -1.49 -10.20 -24.83
N THR A 141 -2.09 -11.06 -25.65
CA THR A 141 -3.44 -11.53 -25.33
C THR A 141 -3.46 -12.28 -24.00
N GLU A 142 -2.51 -13.21 -23.81
CA GLU A 142 -2.44 -13.96 -22.56
C GLU A 142 -2.27 -13.02 -21.37
N LEU A 143 -1.38 -12.05 -21.50
CA LEU A 143 -1.15 -11.09 -20.41
C LEU A 143 -2.39 -10.26 -20.14
N ALA A 144 -3.06 -9.78 -21.19
CA ALA A 144 -4.28 -8.98 -20.99
C ALA A 144 -5.39 -9.82 -20.36
N ASN A 145 -5.50 -11.10 -20.75
CA ASN A 145 -6.46 -11.98 -20.10
C ASN A 145 -6.14 -12.11 -18.61
N ALA A 146 -4.87 -12.39 -18.29
CA ALA A 146 -4.48 -12.50 -16.88
C ALA A 146 -4.75 -11.21 -16.12
N LEU A 147 -4.42 -10.06 -16.71
CA LEU A 147 -4.63 -8.80 -16.01
C LEU A 147 -6.10 -8.45 -15.91
N SER A 148 -6.92 -8.85 -16.90
CA SER A 148 -8.35 -8.67 -16.77
C SER A 148 -8.90 -9.47 -15.59
N TYR A 149 -8.46 -10.72 -15.44
CA TYR A 149 -8.85 -11.50 -14.27
C TYR A 149 -8.38 -10.83 -12.98
N CYS A 150 -7.12 -10.36 -12.95
CA CYS A 150 -6.64 -9.66 -11.76
C CYS A 150 -7.54 -8.49 -11.40
N HIS A 151 -7.98 -7.74 -12.40
CA HIS A 151 -8.82 -6.58 -12.11
C HIS A 151 -10.20 -7.01 -11.65
N SER A 152 -10.69 -8.17 -12.10
CA SER A 152 -11.94 -8.71 -11.57
C SER A 152 -11.81 -8.99 -10.09
N LYS A 153 -10.61 -9.31 -9.61
CA LYS A 153 -10.34 -9.56 -8.20
C LYS A 153 -9.78 -8.33 -7.51
N ARG A 154 -9.76 -7.20 -8.21
CA ARG A 154 -9.27 -5.91 -7.69
C ARG A 154 -7.81 -6.01 -7.26
N VAL A 155 -7.02 -6.75 -8.02
CA VAL A 155 -5.58 -6.89 -7.79
C VAL A 155 -4.84 -6.16 -8.91
N ILE A 156 -3.85 -5.36 -8.53
CA ILE A 156 -2.94 -4.70 -9.47
C ILE A 156 -1.56 -5.29 -9.24
N HIS A 157 -0.87 -5.69 -10.34
CA HIS A 157 0.39 -6.43 -10.18
C HIS A 157 1.55 -5.48 -9.88
N ARG A 158 1.75 -4.48 -10.74
CA ARG A 158 2.66 -3.34 -10.60
C ARG A 158 4.15 -3.67 -10.82
N ASP A 159 4.50 -4.90 -11.21
CA ASP A 159 5.90 -5.24 -11.47
C ASP A 159 6.01 -6.18 -12.68
N ILE A 160 5.21 -5.93 -13.71
CA ILE A 160 5.27 -6.78 -14.89
C ILE A 160 6.50 -6.45 -15.72
N LYS A 161 7.30 -7.46 -16.01
CA LYS A 161 8.52 -7.30 -16.81
C LYS A 161 8.99 -8.69 -17.23
N PRO A 162 9.86 -8.79 -18.25
CA PRO A 162 10.15 -10.12 -18.80
C PRO A 162 10.67 -11.13 -17.79
N GLU A 163 11.44 -10.71 -16.79
CA GLU A 163 11.94 -11.67 -15.80
C GLU A 163 10.81 -12.26 -14.97
N ASN A 164 9.66 -11.60 -14.92
CA ASN A 164 8.52 -12.05 -14.12
C ASN A 164 7.47 -12.76 -14.95
N LEU A 165 7.78 -13.10 -16.19
CA LEU A 165 6.87 -13.85 -17.06
C LEU A 165 7.50 -15.23 -17.26
N LEU A 166 6.89 -16.25 -16.69
CA LEU A 166 7.36 -17.62 -16.85
C LEU A 166 6.57 -18.29 -17.97
N LEU A 167 7.02 -19.46 -18.40
CA LEU A 167 6.43 -20.12 -19.57
C LEU A 167 5.96 -21.52 -19.21
N GLY A 168 4.69 -21.80 -19.47
CA GLY A 168 4.10 -23.10 -19.18
C GLY A 168 4.46 -24.13 -20.23
N SER A 169 3.92 -25.35 -20.02
CA SER A 169 4.30 -26.47 -20.88
C SER A 169 3.89 -26.23 -22.33
N ALA A 170 2.84 -25.45 -22.57
CA ALA A 170 2.41 -25.11 -23.91
C ALA A 170 3.04 -23.84 -24.43
N GLY A 171 4.05 -23.30 -23.74
CA GLY A 171 4.64 -22.03 -24.13
C GLY A 171 3.80 -20.81 -23.79
N GLU A 172 2.79 -20.97 -22.95
CA GLU A 172 1.93 -19.85 -22.56
C GLU A 172 2.51 -19.10 -21.37
N LEU A 173 2.20 -17.81 -21.31
CA LEU A 173 2.71 -16.94 -20.24
C LEU A 173 2.13 -17.31 -18.90
N LYS A 174 2.96 -17.16 -17.86
CA LYS A 174 2.58 -17.32 -16.46
C LYS A 174 3.09 -16.10 -15.71
N ILE A 175 2.20 -15.18 -15.34
CA ILE A 175 2.61 -14.03 -14.56
C ILE A 175 3.04 -14.47 -13.17
N ALA A 176 4.23 -14.05 -12.74
CA ALA A 176 4.74 -14.39 -11.42
C ALA A 176 5.19 -13.13 -10.69
N ASP A 177 5.66 -13.31 -9.46
CA ASP A 177 6.19 -12.25 -8.61
C ASP A 177 5.12 -11.22 -8.22
N PHE A 178 4.33 -11.55 -7.21
CA PHE A 178 3.34 -10.63 -6.69
C PHE A 178 3.85 -9.84 -5.49
N GLY A 179 5.18 -9.73 -5.36
CA GLY A 179 5.76 -9.03 -4.22
C GLY A 179 5.43 -7.56 -4.15
N TRP A 180 4.97 -6.96 -5.25
CA TRP A 180 4.67 -5.54 -5.27
C TRP A 180 3.19 -5.28 -5.54
N SER A 181 2.37 -6.33 -5.52
CA SER A 181 0.98 -6.16 -5.89
C SER A 181 0.17 -5.60 -4.73
N VAL A 182 -1.00 -5.05 -5.05
CA VAL A 182 -1.89 -4.51 -4.05
C VAL A 182 -3.31 -4.91 -4.41
N HIS A 183 -4.13 -5.12 -3.38
CA HIS A 183 -5.56 -5.33 -3.54
C HIS A 183 -6.22 -3.97 -3.35
N ALA A 184 -6.80 -3.43 -4.42
CA ALA A 184 -7.24 -2.05 -4.49
C ALA A 184 -8.75 -1.99 -4.77
N PRO A 185 -9.59 -2.24 -3.76
CA PRO A 185 -11.04 -2.13 -3.97
C PRO A 185 -11.53 -0.69 -3.93
N THR A 190 -16.03 4.91 2.23
CA THR A 190 -14.72 5.15 2.85
C THR A 190 -14.67 6.56 3.45
N TPO A 191 -14.22 6.64 4.70
CA TPO A 191 -14.12 7.93 5.37
CB TPO A 191 -13.93 7.77 6.88
CG2 TPO A 191 -15.13 7.01 7.47
OG1 TPO A 191 -12.74 7.02 7.12
P TPO A 191 -11.86 7.75 8.25
O1P TPO A 191 -11.08 9.03 7.63
O2P TPO A 191 -12.72 8.20 9.38
O3P TPO A 191 -10.80 6.64 8.75
C TPO A 191 -12.98 8.74 4.77
O TPO A 191 -13.01 9.96 4.80
N LEU A 192 -12.00 8.05 4.20
CA LEU A 192 -10.83 8.72 3.61
C LEU A 192 -11.27 9.70 2.53
N CYS A 193 -12.03 9.18 1.56
CA CYS A 193 -12.49 9.98 0.40
C CYS A 193 -13.81 10.69 0.65
N GLY A 194 -14.44 10.44 1.80
CA GLY A 194 -15.68 11.12 2.13
C GLY A 194 -15.43 12.61 2.25
N THR A 195 -14.17 12.95 2.51
CA THR A 195 -13.72 14.32 2.72
C THR A 195 -12.43 14.52 1.92
N LEU A 196 -12.50 15.29 0.83
CA LEU A 196 -11.27 15.53 0.07
C LEU A 196 -10.48 16.72 0.60
N ASP A 197 -11.05 17.50 1.52
CA ASP A 197 -10.52 18.81 1.84
C ASP A 197 -9.10 18.77 2.39
N TYR A 198 -8.72 17.68 3.06
CA TYR A 198 -7.40 17.60 3.69
C TYR A 198 -6.43 16.71 2.92
N LEU A 199 -6.85 16.13 1.80
CA LEU A 199 -5.98 15.24 1.05
C LEU A 199 -5.17 16.01 0.01
N PRO A 200 -3.88 15.71 -0.10
CA PRO A 200 -3.08 16.30 -1.18
C PRO A 200 -3.47 15.71 -2.53
N PRO A 201 -3.16 16.38 -3.63
CA PRO A 201 -3.52 15.86 -4.96
C PRO A 201 -3.12 14.40 -5.17
N GLU A 202 -1.96 13.99 -4.67
CA GLU A 202 -1.51 12.63 -4.94
C GLU A 202 -2.33 11.60 -4.17
N MET A 203 -2.91 11.96 -3.04
CA MET A 203 -3.80 11.01 -2.36
C MET A 203 -5.15 10.91 -3.03
N ILE A 204 -5.66 12.02 -3.57
CA ILE A 204 -6.93 11.97 -4.28
C ILE A 204 -6.79 11.15 -5.56
N GLU A 205 -5.70 11.37 -6.30
CA GLU A 205 -5.54 10.68 -7.58
C GLU A 205 -5.16 9.22 -7.41
N GLY A 206 -4.38 8.88 -6.37
CA GLY A 206 -3.99 7.50 -6.10
C GLY A 206 -3.40 6.74 -7.28
N ARG A 207 -2.47 7.36 -8.00
CA ARG A 207 -2.04 6.80 -9.29
C ARG A 207 -1.35 5.44 -9.13
N MET A 208 -0.56 5.25 -8.07
CA MET A 208 0.06 3.93 -7.95
C MET A 208 -0.92 2.88 -7.45
N HIS A 209 -2.15 3.26 -7.13
CA HIS A 209 -3.22 2.33 -6.77
C HIS A 209 -4.24 2.16 -7.89
N ASP A 210 -3.91 2.59 -9.10
CA ASP A 210 -4.81 2.57 -10.24
C ASP A 210 -4.50 1.33 -11.06
N GLU A 211 -5.55 0.59 -11.43
CA GLU A 211 -5.33 -0.60 -12.26
C GLU A 211 -4.60 -0.26 -13.55
N LYS A 212 -4.73 0.98 -14.02
CA LYS A 212 -4.04 1.38 -15.25
C LYS A 212 -2.52 1.31 -15.12
N VAL A 213 -1.98 1.16 -13.91
CA VAL A 213 -0.54 0.92 -13.75
C VAL A 213 -0.07 -0.17 -14.70
N ASP A 214 -0.80 -1.30 -14.71
CA ASP A 214 -0.34 -2.46 -15.48
C ASP A 214 -0.54 -2.29 -16.98
N LEU A 215 -1.37 -1.34 -17.40
CA LEU A 215 -1.53 -1.11 -18.84
C LEU A 215 -0.27 -0.50 -19.43
N TRP A 216 0.42 0.35 -18.68
CA TRP A 216 1.69 0.91 -19.17
C TRP A 216 2.70 -0.20 -19.40
N SER A 217 2.86 -1.09 -18.43
CA SER A 217 3.87 -2.12 -18.58
C SER A 217 3.53 -3.05 -19.74
N LEU A 218 2.24 -3.26 -20.01
CA LEU A 218 1.83 -3.99 -21.20
C LEU A 218 2.37 -3.36 -22.47
N GLY A 219 2.32 -2.03 -22.56
CA GLY A 219 2.91 -1.35 -23.71
C GLY A 219 4.41 -1.49 -23.79
N VAL A 220 5.11 -1.31 -22.66
CA VAL A 220 6.56 -1.48 -22.69
C VAL A 220 6.91 -2.89 -23.17
N LEU A 221 6.20 -3.90 -22.68
CA LEU A 221 6.50 -5.28 -23.07
C LEU A 221 6.23 -5.52 -24.54
N CYS A 222 5.10 -5.02 -25.05
CA CYS A 222 4.83 -5.19 -26.47
C CYS A 222 5.96 -4.61 -27.32
N TYR A 223 6.47 -3.45 -26.91
CA TYR A 223 7.61 -2.86 -27.61
C TYR A 223 8.85 -3.74 -27.51
N GLU A 224 9.18 -4.18 -26.29
CA GLU A 224 10.40 -4.98 -26.15
C GLU A 224 10.28 -6.29 -26.94
N PHE A 225 9.11 -6.93 -26.93
CA PHE A 225 8.93 -8.18 -27.66
C PHE A 225 9.25 -8.00 -29.14
N LEU A 226 8.81 -6.87 -29.73
CA LEU A 226 8.99 -6.66 -31.16
C LEU A 226 10.38 -6.12 -31.50
N VAL A 227 10.99 -5.35 -30.60
CA VAL A 227 12.19 -4.60 -30.93
C VAL A 227 13.42 -5.25 -30.33
N GLY A 228 13.25 -5.91 -29.18
CA GLY A 228 14.35 -6.55 -28.50
C GLY A 228 15.08 -5.67 -27.52
N LYS A 229 14.60 -4.44 -27.31
CA LYS A 229 15.12 -3.51 -26.31
C LYS A 229 13.93 -2.71 -25.82
N PRO A 230 13.93 -2.30 -24.55
CA PRO A 230 12.79 -1.55 -24.02
C PRO A 230 12.84 -0.12 -24.52
N PRO A 231 11.68 0.55 -24.62
CA PRO A 231 11.61 1.82 -25.37
C PRO A 231 12.35 2.99 -24.71
N PHE A 232 12.51 2.98 -23.39
CA PHE A 232 13.11 4.11 -22.69
C PHE A 232 14.52 3.80 -22.23
N GLU A 233 15.14 2.78 -22.81
CA GLU A 233 16.46 2.35 -22.39
C GLU A 233 17.46 3.48 -22.53
N ALA A 234 18.33 3.62 -21.52
CA ALA A 234 19.36 4.66 -21.51
C ALA A 234 20.49 4.14 -20.62
N ASN A 235 21.67 4.74 -20.74
CA ASN A 235 22.76 4.16 -19.94
C ASN A 235 22.85 4.71 -18.52
N THR A 236 21.93 5.58 -18.09
CA THR A 236 21.82 5.93 -16.68
C THR A 236 20.37 5.88 -16.25
N TYR A 237 20.16 5.68 -14.94
CA TYR A 237 18.81 5.66 -14.39
C TYR A 237 18.14 7.01 -14.56
N GLN A 238 18.88 8.10 -14.38
CA GLN A 238 18.27 9.42 -14.45
C GLN A 238 17.77 9.73 -15.86
N GLU A 239 18.53 9.31 -16.88
CA GLU A 239 18.09 9.52 -18.24
C GLU A 239 16.91 8.63 -18.59
N THR A 240 16.91 7.37 -18.12
CA THR A 240 15.74 6.53 -18.31
C THR A 240 14.50 7.14 -17.66
N TYR A 241 14.65 7.70 -16.45
CA TYR A 241 13.50 8.34 -15.81
C TYR A 241 13.01 9.55 -16.62
N LYS A 242 13.93 10.38 -17.10
CA LYS A 242 13.52 11.51 -17.93
C LYS A 242 12.74 11.06 -19.16
N ARG A 243 13.21 9.99 -19.81
CA ARG A 243 12.52 9.53 -21.02
C ARG A 243 11.14 8.96 -20.68
N ILE A 244 11.04 8.23 -19.58
CA ILE A 244 9.73 7.73 -19.14
C ILE A 244 8.82 8.91 -18.80
N SER A 245 9.34 9.85 -18.02
CA SER A 245 8.53 11.00 -17.58
C SER A 245 8.03 11.81 -18.77
N ARG A 246 8.87 11.96 -19.79
CA ARG A 246 8.53 12.72 -20.98
C ARG A 246 7.88 11.87 -22.08
N VAL A 247 7.70 10.56 -21.83
CA VAL A 247 7.22 9.59 -22.80
C VAL A 247 7.98 9.75 -24.11
N GLU A 248 9.31 9.70 -24.04
CA GLU A 248 10.17 9.89 -25.20
C GLU A 248 10.65 8.53 -25.68
N PHE A 249 10.10 8.07 -26.80
CA PHE A 249 10.50 6.81 -27.42
C PHE A 249 10.21 6.90 -28.91
N THR A 250 10.90 6.08 -29.68
CA THR A 250 10.68 6.00 -31.12
C THR A 250 10.73 4.54 -31.53
N PHE A 251 10.29 4.27 -32.79
CA PHE A 251 10.22 2.90 -33.31
C PHE A 251 11.24 2.70 -34.43
N PRO A 252 11.93 1.57 -34.47
CA PRO A 252 12.66 1.21 -35.69
C PRO A 252 11.70 1.04 -36.86
N ASP A 253 12.25 1.06 -38.08
CA ASP A 253 11.42 1.11 -39.28
C ASP A 253 10.48 -0.10 -39.38
N PHE A 254 10.94 -1.27 -38.95
CA PHE A 254 10.18 -2.48 -39.25
C PHE A 254 8.91 -2.62 -38.41
N VAL A 255 8.75 -1.85 -37.33
CA VAL A 255 7.55 -1.96 -36.51
C VAL A 255 6.34 -1.48 -37.30
N THR A 256 5.30 -2.31 -37.37
CA THR A 256 4.20 -2.01 -38.28
C THR A 256 3.23 -1.00 -37.67
N GLU A 257 2.34 -0.49 -38.53
CA GLU A 257 1.42 0.57 -38.13
C GLU A 257 0.49 0.12 -37.01
N GLY A 258 0.03 -1.12 -37.06
CA GLY A 258 -0.87 -1.61 -36.03
C GLY A 258 -0.18 -1.74 -34.68
N ALA A 259 1.05 -2.25 -34.66
CA ALA A 259 1.79 -2.34 -33.41
C ALA A 259 2.08 -0.95 -32.87
N ARG A 260 2.46 0.00 -33.73
CA ARG A 260 2.72 1.37 -33.26
C ARG A 260 1.48 1.97 -32.61
N ASP A 261 0.31 1.75 -33.21
CA ASP A 261 -0.91 2.30 -32.66
C ASP A 261 -1.19 1.75 -31.27
N LEU A 262 -1.03 0.43 -31.10
CA LEU A 262 -1.31 -0.16 -29.81
C LEU A 262 -0.34 0.35 -28.75
N ILE A 263 0.95 0.35 -29.07
CA ILE A 263 1.97 0.75 -28.08
C ILE A 263 1.78 2.22 -27.70
N SER A 264 1.56 3.08 -28.69
CA SER A 264 1.40 4.50 -28.41
C SER A 264 0.14 4.77 -27.61
N ARG A 265 -0.91 3.97 -27.81
CA ARG A 265 -2.11 4.13 -27.00
C ARG A 265 -1.87 3.72 -25.55
N LEU A 266 -1.00 2.73 -25.33
CA LEU A 266 -0.73 2.25 -23.98
C LEU A 266 0.19 3.19 -23.19
N LEU A 267 1.20 3.77 -23.85
CA LEU A 267 2.21 4.54 -23.13
C LEU A 267 1.76 6.00 -22.97
N LYS A 268 0.76 6.19 -22.11
CA LYS A 268 0.26 7.53 -21.76
C LYS A 268 0.75 7.90 -20.37
N HIS A 269 1.27 9.12 -20.23
CA HIS A 269 1.75 9.54 -18.92
C HIS A 269 0.64 9.53 -17.90
N ASN A 270 -0.51 10.07 -18.26
CA ASN A 270 -1.69 10.10 -17.39
C ASN A 270 -2.36 8.73 -17.42
N PRO A 271 -2.38 8.01 -16.29
CA PRO A 271 -2.95 6.67 -16.28
C PRO A 271 -4.38 6.62 -16.80
N SER A 272 -5.17 7.66 -16.51
CA SER A 272 -6.56 7.66 -16.94
C SER A 272 -6.70 7.71 -18.47
N GLN A 273 -5.64 8.09 -19.19
CA GLN A 273 -5.71 8.12 -20.65
C GLN A 273 -5.36 6.79 -21.29
N ARG A 274 -4.87 5.81 -20.51
CA ARG A 274 -4.55 4.51 -21.07
C ARG A 274 -5.83 3.73 -21.36
N PRO A 275 -5.78 2.80 -22.31
CA PRO A 275 -7.00 2.09 -22.72
C PRO A 275 -7.44 1.03 -21.73
N MET A 276 -8.67 0.57 -21.92
CA MET A 276 -9.17 -0.57 -21.17
C MET A 276 -8.55 -1.85 -21.72
N LEU A 277 -8.48 -2.88 -20.87
CA LEU A 277 -7.95 -4.17 -21.31
C LEU A 277 -8.76 -4.75 -22.46
N ARG A 278 -10.07 -4.50 -22.46
CA ARG A 278 -10.91 -4.95 -23.57
C ARG A 278 -10.43 -4.35 -24.90
N GLU A 279 -10.03 -3.07 -24.88
CA GLU A 279 -9.56 -2.42 -26.10
C GLU A 279 -8.23 -2.99 -26.56
N VAL A 280 -7.43 -3.53 -25.65
CA VAL A 280 -6.24 -4.26 -26.07
C VAL A 280 -6.61 -5.60 -26.68
N LEU A 281 -7.47 -6.35 -25.98
CA LEU A 281 -7.86 -7.67 -26.45
C LEU A 281 -8.56 -7.59 -27.81
N GLU A 282 -9.25 -6.49 -28.10
CA GLU A 282 -9.96 -6.33 -29.36
C GLU A 282 -9.23 -5.45 -30.38
N HIS A 283 -8.01 -5.03 -30.08
CA HIS A 283 -7.30 -4.17 -31.02
C HIS A 283 -7.08 -4.91 -32.33
N PRO A 284 -7.30 -4.25 -33.48
CA PRO A 284 -7.23 -4.96 -34.76
C PRO A 284 -5.87 -5.62 -35.03
N TRP A 285 -4.78 -5.05 -34.51
CA TRP A 285 -3.47 -5.70 -34.65
C TRP A 285 -3.38 -6.95 -33.79
N ILE A 286 -3.95 -6.91 -32.59
CA ILE A 286 -3.97 -8.10 -31.74
C ILE A 286 -4.75 -9.22 -32.40
N THR A 287 -5.99 -8.92 -32.85
CA THR A 287 -6.82 -9.98 -33.41
C THR A 287 -6.29 -10.52 -34.72
N ALA A 288 -5.54 -9.70 -35.48
CA ALA A 288 -5.00 -10.18 -36.74
C ALA A 288 -3.78 -11.08 -36.57
N ASN A 289 -3.08 -10.98 -35.43
CA ASN A 289 -1.84 -11.72 -35.24
C ASN A 289 -1.85 -12.71 -34.09
N SER A 290 -2.78 -12.59 -33.15
CA SER A 290 -2.82 -13.50 -32.03
C SER A 290 -3.45 -14.82 -32.47
N SER A 291 -2.86 -15.93 -32.02
CA SER A 291 -3.50 -17.21 -32.24
C SER A 291 -4.54 -17.53 -31.19
N LYS A 292 -4.63 -16.72 -30.13
CA LYS A 292 -5.63 -16.89 -29.09
C LYS A 292 -6.69 -15.78 -29.21
N MET B 4 -10.53 -15.68 8.92
CA MET B 4 -9.33 -14.84 8.80
C MET B 4 -8.44 -15.01 10.02
N SER B 5 -7.15 -14.75 9.84
CA SER B 5 -6.20 -14.91 10.92
C SER B 5 -6.16 -13.63 11.74
N TYR B 6 -6.34 -13.75 13.04
CA TYR B 6 -6.21 -12.58 13.90
C TYR B 6 -4.92 -12.63 14.69
N SER B 7 -3.90 -13.28 14.13
CA SER B 7 -2.53 -13.26 14.65
C SER B 7 -1.79 -12.10 14.00
N TYR B 8 -1.73 -10.97 14.69
CA TYR B 8 -1.11 -9.75 14.20
C TYR B 8 0.31 -9.65 14.76
N ASP B 9 1.17 -8.92 14.04
CA ASP B 9 2.47 -8.58 14.60
C ASP B 9 2.30 -7.34 15.49
N ALA B 10 1.65 -7.55 16.61
CA ALA B 10 1.29 -6.50 17.54
C ALA B 10 1.16 -7.12 18.92
N PRO B 11 1.37 -6.35 19.98
CA PRO B 11 1.40 -6.95 21.32
C PRO B 11 0.01 -7.37 21.79
N SER B 12 -0.02 -8.52 22.45
CA SER B 12 -1.20 -9.00 23.16
C SER B 12 -0.86 -9.34 24.60
N ASP B 13 0.29 -8.87 25.09
CA ASP B 13 0.75 -9.21 26.44
C ASP B 13 0.09 -8.29 27.46
N PHE B 14 -0.41 -8.90 28.54
CA PHE B 14 -0.93 -8.13 29.66
C PHE B 14 0.12 -7.13 30.13
N ILE B 15 -0.33 -5.93 30.48
CA ILE B 15 0.55 -4.85 30.93
C ILE B 15 0.18 -4.49 32.36
N ASN B 16 1.18 -4.43 33.23
CA ASN B 16 0.97 -3.83 34.55
C ASN B 16 1.07 -2.33 34.39
N PHE B 17 -0.08 -1.65 34.47
CA PHE B 17 -0.12 -0.22 34.15
C PHE B 17 0.45 0.65 35.26
N SER B 18 0.60 0.13 36.47
CA SER B 18 1.07 0.92 37.59
C SER B 18 2.60 0.90 37.76
N SER B 19 3.34 0.62 36.68
CA SER B 19 4.81 0.65 36.73
C SER B 19 5.40 0.95 35.36
N LYS B 28 4.43 -15.16 28.58
CA LYS B 28 3.81 -13.97 29.12
C LYS B 28 2.28 -14.08 29.15
N ARG B 29 1.68 -13.64 30.25
CA ARG B 29 0.23 -13.53 30.33
C ARG B 29 -0.29 -12.66 29.19
N GLN B 30 -1.36 -13.13 28.56
CA GLN B 30 -2.01 -12.39 27.47
C GLN B 30 -3.30 -11.78 27.96
N TRP B 31 -3.71 -10.69 27.30
CA TRP B 31 -4.95 -10.02 27.67
C TRP B 31 -6.12 -11.00 27.60
N ALA B 32 -7.11 -10.75 28.45
CA ALA B 32 -8.38 -11.44 28.41
C ALA B 32 -9.48 -10.42 28.63
N LEU B 33 -10.67 -10.71 28.10
CA LEU B 33 -11.78 -9.77 28.28
C LEU B 33 -12.07 -9.53 29.76
N GLU B 34 -11.85 -10.54 30.60
CA GLU B 34 -12.12 -10.43 32.03
C GLU B 34 -11.17 -9.46 32.74
N ASP B 35 -10.13 -8.99 32.04
CA ASP B 35 -9.22 -7.99 32.60
C ASP B 35 -9.83 -6.61 32.72
N PHE B 36 -11.00 -6.37 32.12
CA PHE B 36 -11.53 -5.03 31.95
C PHE B 36 -12.93 -4.90 32.53
N GLU B 37 -13.17 -3.83 33.29
CA GLU B 37 -14.51 -3.40 33.65
C GLU B 37 -14.98 -2.43 32.58
N ILE B 38 -15.97 -2.83 31.80
CA ILE B 38 -16.46 -1.99 30.69
C ILE B 38 -17.45 -0.97 31.25
N GLY B 39 -17.12 0.30 31.09
CA GLY B 39 -17.98 1.40 31.47
C GLY B 39 -18.78 1.93 30.31
N ARG B 40 -19.04 3.24 30.34
CA ARG B 40 -19.96 3.85 29.39
C ARG B 40 -19.39 3.84 27.97
N PRO B 41 -20.24 3.79 26.96
CA PRO B 41 -19.79 3.97 25.58
C PRO B 41 -19.25 5.37 25.35
N LEU B 42 -18.13 5.45 24.63
CA LEU B 42 -17.52 6.72 24.25
C LEU B 42 -17.86 7.12 22.81
N GLY B 43 -18.41 6.19 22.03
CA GLY B 43 -18.65 6.45 20.63
C GLY B 43 -18.96 5.17 19.88
N LYS B 44 -19.64 5.31 18.74
CA LYS B 44 -20.05 4.18 17.92
C LYS B 44 -19.30 4.25 16.61
N GLY B 45 -18.55 3.19 16.29
CA GLY B 45 -17.88 3.07 15.01
C GLY B 45 -18.66 2.20 14.03
N LYS B 46 -18.10 2.10 12.83
CA LYS B 46 -18.72 1.34 11.75
C LYS B 46 -18.88 -0.15 12.11
N PHE B 47 -17.94 -0.70 12.87
CA PHE B 47 -17.91 -2.13 13.14
C PHE B 47 -18.05 -2.48 14.61
N GLY B 48 -18.24 -1.49 15.47
CA GLY B 48 -18.36 -1.72 16.89
C GLY B 48 -18.05 -0.46 17.66
N ASN B 49 -18.30 -0.54 18.96
CA ASN B 49 -18.26 0.64 19.80
C ASN B 49 -16.90 0.78 20.49
N VAL B 50 -16.66 1.99 20.98
CA VAL B 50 -15.54 2.29 21.87
C VAL B 50 -16.13 2.54 23.24
N TYR B 51 -15.57 1.91 24.26
CA TYR B 51 -16.06 2.02 25.63
C TYR B 51 -14.98 2.58 26.54
N LEU B 52 -15.41 3.43 27.47
CA LEU B 52 -14.55 3.74 28.60
C LEU B 52 -14.42 2.49 29.45
N ALA B 53 -13.20 2.18 29.86
CA ALA B 53 -12.94 0.95 30.60
C ALA B 53 -11.80 1.20 31.58
N ARG B 54 -11.66 0.30 32.54
CA ARG B 54 -10.49 0.27 33.37
C ARG B 54 -9.98 -1.16 33.48
N GLU B 55 -8.66 -1.30 33.52
CA GLU B 55 -8.06 -2.60 33.78
C GLU B 55 -8.18 -2.89 35.27
N LYS B 56 -8.61 -4.11 35.60
CA LYS B 56 -9.11 -4.36 36.95
C LYS B 56 -8.02 -4.31 38.01
N GLN B 57 -6.83 -4.85 37.70
CA GLN B 57 -5.79 -4.91 38.71
C GLN B 57 -5.25 -3.53 39.06
N SER B 58 -5.00 -2.71 38.04
CA SER B 58 -4.37 -1.41 38.20
C SER B 58 -5.38 -0.28 38.37
N LYS B 59 -6.65 -0.51 38.06
CA LYS B 59 -7.67 0.54 37.95
C LYS B 59 -7.30 1.59 36.89
N PHE B 60 -6.39 1.28 35.97
CA PHE B 60 -5.97 2.24 34.96
C PHE B 60 -7.07 2.48 33.95
N ILE B 61 -7.36 3.74 33.65
CA ILE B 61 -8.48 4.10 32.79
C ILE B 61 -8.01 4.15 31.34
N LEU B 62 -8.77 3.52 30.45
CA LEU B 62 -8.39 3.41 29.04
C LEU B 62 -9.66 3.31 28.21
N ALA B 63 -9.49 3.19 26.90
CA ALA B 63 -10.61 3.01 25.98
C ALA B 63 -10.49 1.65 25.31
N LEU B 64 -11.61 0.93 25.23
CA LEU B 64 -11.64 -0.40 24.65
C LEU B 64 -12.53 -0.35 23.42
N LYS B 65 -11.94 -0.55 22.24
CA LYS B 65 -12.68 -0.58 20.99
C LYS B 65 -12.99 -2.03 20.66
N VAL B 66 -14.28 -2.33 20.49
CA VAL B 66 -14.76 -3.69 20.24
C VAL B 66 -15.26 -3.78 18.80
N LEU B 67 -14.68 -4.67 18.02
CA LEU B 67 -15.08 -4.85 16.63
C LEU B 67 -15.52 -6.29 16.41
N PHE B 68 -16.58 -6.48 15.63
CA PHE B 68 -17.12 -7.82 15.41
C PHE B 68 -16.50 -8.42 14.16
N LYS B 69 -15.86 -9.59 14.33
CA LYS B 69 -15.13 -10.22 13.24
C LYS B 69 -16.02 -10.44 12.03
N ALA B 70 -17.24 -10.96 12.25
CA ALA B 70 -18.16 -11.21 11.14
C ALA B 70 -18.34 -9.95 10.31
N GLN B 71 -18.45 -8.79 10.95
CA GLN B 71 -18.67 -7.55 10.23
C GLN B 71 -17.40 -7.10 9.48
N LEU B 72 -16.23 -7.22 10.12
CA LEU B 72 -14.99 -6.88 9.43
C LEU B 72 -14.76 -7.75 8.19
N GLU B 73 -15.02 -9.05 8.30
CA GLU B 73 -14.80 -9.94 7.18
C GLU B 73 -15.84 -9.72 6.09
N LYS B 74 -17.10 -9.54 6.48
CA LYS B 74 -18.14 -9.22 5.50
C LYS B 74 -17.76 -7.99 4.68
N ALA B 75 -17.20 -6.96 5.33
CA ALA B 75 -16.86 -5.74 4.62
C ALA B 75 -15.50 -5.81 3.92
N GLY B 76 -14.72 -6.87 4.14
CA GLY B 76 -13.40 -6.95 3.55
C GLY B 76 -12.38 -5.97 4.09
N VAL B 77 -12.49 -5.59 5.36
CA VAL B 77 -11.59 -4.57 5.92
C VAL B 77 -10.66 -5.15 6.98
N GLU B 78 -10.57 -6.47 7.08
CA GLU B 78 -9.82 -7.06 8.19
C GLU B 78 -8.30 -6.91 8.01
N HIS B 79 -7.78 -6.93 6.76
CA HIS B 79 -6.36 -6.66 6.59
C HIS B 79 -6.03 -5.20 6.82
N GLN B 80 -7.00 -4.31 6.59
CA GLN B 80 -6.81 -2.92 6.96
C GLN B 80 -6.71 -2.76 8.48
N LEU B 81 -7.57 -3.46 9.22
CA LEU B 81 -7.46 -3.44 10.68
C LEU B 81 -6.11 -3.99 11.14
N ARG B 82 -5.69 -5.12 10.56
CA ARG B 82 -4.40 -5.70 10.93
C ARG B 82 -3.27 -4.69 10.76
N ARG B 83 -3.25 -4.00 9.62
CA ARG B 83 -2.19 -3.04 9.37
C ARG B 83 -2.26 -1.87 10.35
N GLU B 84 -3.48 -1.37 10.58
CA GLU B 84 -3.67 -0.28 11.54
C GLU B 84 -3.14 -0.66 12.92
N VAL B 85 -3.46 -1.87 13.37
CA VAL B 85 -3.03 -2.30 14.70
C VAL B 85 -1.51 -2.48 14.73
N GLU B 86 -0.95 -3.14 13.73
CA GLU B 86 0.49 -3.37 13.72
C GLU B 86 1.26 -2.05 13.71
N ILE B 87 0.78 -1.09 12.92
CA ILE B 87 1.49 0.20 12.84
C ILE B 87 1.35 0.98 14.14
N GLN B 88 0.11 1.18 14.59
CA GLN B 88 -0.12 2.09 15.71
C GLN B 88 0.46 1.53 17.01
N SER B 89 0.40 0.21 17.19
CA SER B 89 0.87 -0.37 18.45
C SER B 89 2.38 -0.29 18.62
N HIS B 90 3.12 0.07 17.57
CA HIS B 90 4.55 0.26 17.70
C HIS B 90 4.97 1.74 17.72
N LEU B 91 4.02 2.67 17.83
CA LEU B 91 4.34 4.08 17.93
C LEU B 91 4.15 4.51 19.39
N ARG B 92 5.15 5.20 19.95
CA ARG B 92 5.05 5.71 21.32
C ARG B 92 5.50 7.15 21.33
N HIS B 93 4.54 8.07 21.40
CA HIS B 93 4.84 9.49 21.38
C HIS B 93 3.71 10.18 22.11
N PRO B 94 3.98 11.22 22.90
CA PRO B 94 2.89 11.86 23.68
C PRO B 94 1.81 12.52 22.82
N ASN B 95 2.07 12.81 21.54
CA ASN B 95 1.05 13.40 20.68
C ASN B 95 0.52 12.40 19.67
N ILE B 96 0.73 11.11 19.93
CA ILE B 96 0.10 10.03 19.16
C ILE B 96 -0.69 9.16 20.12
N LEU B 97 -1.98 8.95 19.81
CA LEU B 97 -2.82 8.12 20.66
C LEU B 97 -2.23 6.72 20.79
N ARG B 98 -2.00 6.29 22.03
CA ARG B 98 -1.37 4.98 22.24
C ARG B 98 -2.33 3.85 21.92
N LEU B 99 -1.82 2.80 21.25
CA LEU B 99 -2.52 1.53 21.14
C LEU B 99 -1.68 0.55 21.96
N TYR B 100 -2.14 0.24 23.18
CA TYR B 100 -1.33 -0.58 24.09
C TYR B 100 -1.24 -2.02 23.62
N GLY B 101 -2.28 -2.52 22.96
CA GLY B 101 -2.28 -3.91 22.56
C GLY B 101 -3.62 -4.27 21.99
N TYR B 102 -3.73 -5.53 21.60
CA TYR B 102 -5.00 -6.03 21.11
C TYR B 102 -5.18 -7.45 21.61
N PHE B 103 -6.41 -7.94 21.51
CA PHE B 103 -6.67 -9.37 21.69
C PHE B 103 -7.97 -9.67 20.99
N HIS B 104 -8.34 -10.96 20.96
CA HIS B 104 -9.56 -11.34 20.24
C HIS B 104 -10.12 -12.61 20.85
N ASP B 105 -11.42 -12.78 20.66
CA ASP B 105 -12.08 -14.03 21.03
C ASP B 105 -12.84 -14.55 19.82
N ALA B 106 -13.78 -15.47 20.05
CA ALA B 106 -14.41 -16.18 18.94
C ALA B 106 -15.16 -15.22 18.00
N THR B 107 -15.67 -14.10 18.52
CA THR B 107 -16.50 -13.23 17.70
C THR B 107 -15.99 -11.81 17.56
N ARG B 108 -15.01 -11.38 18.35
CA ARG B 108 -14.67 -9.96 18.40
C ARG B 108 -13.16 -9.74 18.49
N VAL B 109 -12.75 -8.57 18.02
CA VAL B 109 -11.39 -8.07 18.18
C VAL B 109 -11.46 -6.87 19.11
N TYR B 110 -10.46 -6.75 19.98
CA TYR B 110 -10.43 -5.72 21.00
C TYR B 110 -9.17 -4.89 20.87
N LEU B 111 -9.32 -3.57 20.76
CA LEU B 111 -8.18 -2.67 20.70
C LEU B 111 -8.11 -1.91 22.01
N ILE B 112 -6.95 -1.96 22.67
CA ILE B 112 -6.77 -1.35 23.98
C ILE B 112 -6.09 -0.03 23.75
N LEU B 113 -6.84 1.06 23.92
CA LEU B 113 -6.44 2.37 23.45
C LEU B 113 -6.27 3.35 24.59
N GLU B 114 -5.40 4.33 24.39
CA GLU B 114 -5.34 5.47 25.29
C GLU B 114 -6.70 6.20 25.26
N TYR B 115 -7.15 6.60 26.44
CA TYR B 115 -8.36 7.41 26.57
C TYR B 115 -7.99 8.89 26.47
N ALA B 116 -8.53 9.57 25.45
CA ALA B 116 -8.36 11.00 25.25
C ALA B 116 -9.63 11.67 25.74
N PRO B 117 -9.64 12.29 26.92
CA PRO B 117 -10.89 12.69 27.56
C PRO B 117 -11.56 13.93 26.99
N LEU B 118 -10.87 14.75 26.19
CA LEU B 118 -11.39 16.07 25.87
C LEU B 118 -11.88 16.18 24.42
N GLY B 119 -12.28 15.06 23.82
CA GLY B 119 -12.96 15.13 22.54
C GLY B 119 -12.00 15.39 21.39
N THR B 120 -12.57 15.87 20.27
CA THR B 120 -11.81 16.05 19.04
C THR B 120 -11.55 17.53 18.79
N VAL B 121 -10.49 17.79 18.01
CA VAL B 121 -10.26 19.16 17.56
C VAL B 121 -11.40 19.60 16.66
N TYR B 122 -12.01 18.64 15.96
CA TYR B 122 -13.16 18.96 15.10
C TYR B 122 -14.27 19.60 15.92
N ARG B 123 -14.57 19.02 17.09
CA ARG B 123 -15.58 19.59 17.98
C ARG B 123 -15.12 20.94 18.54
N GLU B 124 -13.83 21.05 18.90
CA GLU B 124 -13.33 22.30 19.42
C GLU B 124 -13.48 23.42 18.41
N LEU B 125 -13.24 23.10 17.13
CA LEU B 125 -13.43 24.09 16.08
C LEU B 125 -14.90 24.44 15.90
N GLN B 126 -15.79 23.46 15.98
CA GLN B 126 -17.22 23.78 15.94
C GLN B 126 -17.60 24.77 17.03
N LYS B 127 -17.02 24.60 18.22
CA LYS B 127 -17.40 25.44 19.36
C LYS B 127 -16.84 26.85 19.24
N LEU B 128 -15.58 26.98 18.83
CA LEU B 128 -14.91 28.27 18.82
C LEU B 128 -14.91 28.96 17.46
N SER B 129 -15.35 28.26 16.40
CA SER B 129 -15.35 28.72 15.01
C SER B 129 -13.95 28.82 14.42
N LYS B 130 -13.03 29.51 15.10
CA LYS B 130 -11.64 29.47 14.66
C LYS B 130 -10.74 29.64 15.88
N PHE B 131 -9.47 29.33 15.67
CA PHE B 131 -8.48 29.40 16.74
C PHE B 131 -7.61 30.63 16.55
N ASP B 132 -7.09 31.17 17.66
CA ASP B 132 -6.14 32.28 17.56
C ASP B 132 -4.77 31.75 17.13
N GLU B 133 -3.83 32.68 16.90
CA GLU B 133 -2.55 32.23 16.34
C GLU B 133 -1.73 31.44 17.35
N GLN B 134 -1.93 31.70 18.63
CA GLN B 134 -1.20 30.98 19.67
C GLN B 134 -1.63 29.52 19.72
N ARG B 135 -2.93 29.28 19.79
CA ARG B 135 -3.41 27.91 19.79
C ARG B 135 -3.05 27.21 18.49
N THR B 136 -3.18 27.92 17.36
CA THR B 136 -2.84 27.31 16.07
C THR B 136 -1.37 26.90 16.02
N ALA B 137 -0.47 27.81 16.38
CA ALA B 137 0.95 27.48 16.29
C ALA B 137 1.33 26.37 17.26
N THR B 138 0.70 26.36 18.42
CA THR B 138 0.95 25.29 19.39
C THR B 138 0.51 23.95 18.83
N TYR B 139 -0.70 23.89 18.26
CA TYR B 139 -1.17 22.64 17.67
C TYR B 139 -0.29 22.19 16.51
N ILE B 140 0.14 23.13 15.67
CA ILE B 140 0.98 22.73 14.54
C ILE B 140 2.32 22.21 15.05
N THR B 141 2.85 22.83 16.11
CA THR B 141 4.06 22.31 16.73
C THR B 141 3.88 20.86 17.19
N GLU B 142 2.78 20.58 17.91
CA GLU B 142 2.57 19.22 18.40
C GLU B 142 2.41 18.24 17.25
N LEU B 143 1.62 18.60 16.24
CA LEU B 143 1.47 17.74 15.07
C LEU B 143 2.80 17.50 14.37
N ALA B 144 3.60 18.56 14.18
CA ALA B 144 4.87 18.37 13.49
C ALA B 144 5.80 17.46 14.29
N ASN B 145 5.83 17.62 15.62
CA ASN B 145 6.63 16.71 16.45
C ASN B 145 6.17 15.27 16.29
N ALA B 146 4.84 15.05 16.35
CA ALA B 146 4.32 13.70 16.21
C ALA B 146 4.62 13.13 14.82
N LEU B 147 4.43 13.95 13.77
CA LEU B 147 4.72 13.46 12.43
C LEU B 147 6.22 13.25 12.22
N SER B 148 7.06 14.06 12.87
CA SER B 148 8.50 13.83 12.76
C SER B 148 8.87 12.48 13.35
N TYR B 149 8.28 12.15 14.50
CA TYR B 149 8.48 10.84 15.09
C TYR B 149 7.99 9.73 14.16
N CYS B 150 6.77 9.87 13.63
CA CYS B 150 6.26 8.91 12.66
C CYS B 150 7.25 8.69 11.52
N HIS B 151 7.70 9.78 10.92
CA HIS B 151 8.58 9.65 9.77
C HIS B 151 9.92 9.04 10.16
N SER B 152 10.37 9.24 11.40
CA SER B 152 11.57 8.55 11.87
C SER B 152 11.36 7.04 11.93
N LYS B 153 10.11 6.58 12.06
CA LYS B 153 9.76 5.17 12.00
C LYS B 153 9.32 4.74 10.60
N ARG B 154 9.52 5.61 9.61
CA ARG B 154 9.07 5.40 8.23
C ARG B 154 7.56 5.14 8.15
N VAL B 155 6.79 5.81 9.00
CA VAL B 155 5.33 5.71 8.98
C VAL B 155 4.78 7.01 8.43
N ILE B 156 3.92 6.90 7.41
CA ILE B 156 3.18 8.04 6.87
C ILE B 156 1.72 7.88 7.27
N HIS B 157 1.12 8.95 7.81
CA HIS B 157 -0.23 8.80 8.35
C HIS B 157 -1.28 8.82 7.25
N ARG B 158 -1.25 9.84 6.39
CA ARG B 158 -2.05 10.01 5.17
C ARG B 158 -3.53 10.30 5.41
N ASP B 159 -3.99 10.49 6.65
CA ASP B 159 -5.40 10.83 6.88
C ASP B 159 -5.53 11.87 7.98
N ILE B 160 -4.64 12.85 8.00
CA ILE B 160 -4.66 13.89 9.03
C ILE B 160 -5.79 14.87 8.74
N LYS B 161 -6.68 15.06 9.72
CA LYS B 161 -7.80 16.00 9.63
C LYS B 161 -8.37 16.19 11.04
N PRO B 162 -9.16 17.26 11.27
CA PRO B 162 -9.57 17.56 12.65
C PRO B 162 -10.31 16.43 13.36
N GLU B 163 -11.07 15.61 12.62
CA GLU B 163 -11.80 14.50 13.24
C GLU B 163 -10.85 13.47 13.83
N ASN B 164 -9.64 13.39 13.31
CA ASN B 164 -8.64 12.41 13.75
C ASN B 164 -7.64 13.00 14.73
N LEU B 165 -7.92 14.15 15.30
CA LEU B 165 -7.07 14.76 16.31
C LEU B 165 -7.88 14.78 17.59
N LEU B 166 -7.48 13.96 18.56
CA LEU B 166 -8.14 13.91 19.86
C LEU B 166 -7.37 14.78 20.85
N LEU B 167 -8.01 15.07 21.98
CA LEU B 167 -7.41 15.97 22.96
C LEU B 167 -7.21 15.24 24.28
N GLY B 168 -5.98 15.26 24.79
CA GLY B 168 -5.69 14.76 26.11
C GLY B 168 -6.15 15.71 27.20
N SER B 169 -6.01 15.27 28.45
CA SER B 169 -6.62 16.00 29.57
C SER B 169 -5.99 17.36 29.81
N ALA B 170 -4.74 17.58 29.41
CA ALA B 170 -4.16 18.91 29.44
C ALA B 170 -4.34 19.65 28.12
N GLY B 171 -5.16 19.13 27.21
CA GLY B 171 -5.36 19.77 25.94
C GLY B 171 -4.33 19.43 24.90
N GLU B 172 -3.51 18.41 25.12
CA GLU B 172 -2.51 18.04 24.13
C GLU B 172 -3.15 17.25 23.00
N LEU B 173 -2.69 17.51 21.78
CA LEU B 173 -3.18 16.80 20.61
C LEU B 173 -2.73 15.35 20.62
N LYS B 174 -3.62 14.46 20.22
CA LYS B 174 -3.32 13.04 20.07
C LYS B 174 -3.72 12.62 18.65
N ILE B 175 -2.74 12.30 17.81
CA ILE B 175 -3.07 11.83 16.48
C ILE B 175 -3.68 10.45 16.56
N ALA B 176 -4.83 10.26 15.91
CA ALA B 176 -5.51 8.98 15.93
C ALA B 176 -5.80 8.56 14.49
N ASP B 177 -6.37 7.36 14.36
CA ASP B 177 -6.84 6.76 13.11
C ASP B 177 -5.71 6.46 12.14
N PHE B 178 -5.01 5.35 12.35
CA PHE B 178 -3.96 4.91 11.45
C PHE B 178 -4.48 3.93 10.40
N GLY B 179 -5.78 3.97 10.10
CA GLY B 179 -6.35 3.03 9.14
C GLY B 179 -5.88 3.21 7.70
N TRP B 180 -5.27 4.37 7.38
CA TRP B 180 -4.79 4.64 6.04
C TRP B 180 -3.28 4.80 5.98
N SER B 181 -2.60 4.55 7.09
CA SER B 181 -1.17 4.79 7.18
C SER B 181 -0.40 3.67 6.48
N VAL B 182 0.84 3.98 6.10
CA VAL B 182 1.71 2.99 5.48
C VAL B 182 3.08 3.05 6.13
N HIS B 183 3.71 1.89 6.28
CA HIS B 183 5.10 1.80 6.72
C HIS B 183 5.93 1.75 5.45
N ALA B 184 6.56 2.88 5.10
CA ALA B 184 7.17 3.08 3.80
C ALA B 184 8.68 3.27 3.90
N PRO B 185 9.44 2.20 4.15
CA PRO B 185 10.91 2.33 4.13
C PRO B 185 11.44 2.60 2.72
N THR B 190 15.77 -2.16 -4.18
CA THR B 190 14.90 -3.32 -4.37
C THR B 190 14.99 -3.82 -5.82
N TPO B 191 14.39 -4.98 -6.10
CA TPO B 191 14.32 -5.46 -7.46
CB TPO B 191 13.93 -6.94 -7.53
CG2 TPO B 191 14.92 -7.77 -6.70
OG1 TPO B 191 12.59 -7.11 -7.04
P TPO B 191 11.70 -7.95 -8.10
O1P TPO B 191 11.18 -7.02 -9.32
O2P TPO B 191 12.51 -9.06 -8.67
O3P TPO B 191 10.45 -8.55 -7.28
C TPO B 191 13.31 -4.64 -8.24
O TPO B 191 13.37 -4.58 -9.45
N LEU B 192 12.38 -3.99 -7.53
CA LEU B 192 11.39 -3.17 -8.21
C LEU B 192 12.06 -2.02 -8.96
N CYS B 193 12.88 -1.25 -8.25
CA CYS B 193 13.59 -0.08 -8.80
C CYS B 193 14.88 -0.46 -9.48
N GLY B 194 15.27 -1.72 -9.36
CA GLY B 194 16.48 -2.20 -9.99
C GLY B 194 16.41 -2.03 -11.49
N THR B 195 15.18 -1.98 -12.02
CA THR B 195 14.93 -1.83 -13.45
C THR B 195 13.82 -0.80 -13.64
N LEU B 196 14.19 0.46 -13.98
CA LEU B 196 13.14 1.43 -14.22
C LEU B 196 12.46 1.24 -15.57
N ASP B 197 13.05 0.44 -16.46
CA ASP B 197 12.62 0.39 -17.85
C ASP B 197 11.16 0.01 -18.01
N TYR B 198 10.60 -0.79 -17.10
CA TYR B 198 9.22 -1.27 -17.24
C TYR B 198 8.25 -0.55 -16.32
N LEU B 199 8.71 0.43 -15.56
CA LEU B 199 7.79 1.06 -14.61
C LEU B 199 7.13 2.29 -15.20
N PRO B 200 5.83 2.49 -14.98
CA PRO B 200 5.18 3.74 -15.37
C PRO B 200 5.66 4.88 -14.49
N PRO B 201 5.50 6.12 -14.95
CA PRO B 201 5.95 7.26 -14.14
C PRO B 201 5.45 7.21 -12.71
N GLU B 202 4.17 6.85 -12.48
CA GLU B 202 3.64 6.88 -11.13
C GLU B 202 4.28 5.83 -10.21
N MET B 203 4.80 4.74 -10.76
CA MET B 203 5.47 3.76 -9.90
C MET B 203 6.90 4.19 -9.56
N ILE B 204 7.56 4.90 -10.47
CA ILE B 204 8.89 5.41 -10.15
C ILE B 204 8.80 6.48 -9.09
N GLU B 205 7.80 7.35 -9.18
CA GLU B 205 7.71 8.49 -8.28
C GLU B 205 7.15 8.11 -6.92
N GLY B 206 6.22 7.17 -6.86
CA GLY B 206 5.71 6.68 -5.58
C GLY B 206 5.10 7.72 -4.66
N ARG B 207 4.31 8.65 -5.21
CA ARG B 207 3.93 9.83 -4.45
C ARG B 207 3.04 9.51 -3.25
N MET B 208 2.20 8.46 -3.34
CA MET B 208 1.41 8.05 -2.18
C MET B 208 2.25 7.42 -1.07
N HIS B 209 3.50 7.07 -1.34
CA HIS B 209 4.39 6.50 -0.31
C HIS B 209 5.45 7.50 0.14
N ASP B 210 5.24 8.78 -0.15
CA ASP B 210 6.19 9.83 0.19
C ASP B 210 5.73 10.50 1.49
N GLU B 211 6.67 10.67 2.44
CA GLU B 211 6.30 11.31 3.70
C GLU B 211 5.75 12.71 3.49
N LYS B 212 6.07 13.34 2.36
CA LYS B 212 5.55 14.68 2.08
C LYS B 212 4.03 14.72 1.98
N VAL B 213 3.36 13.56 1.82
CA VAL B 213 1.90 13.54 1.90
C VAL B 213 1.41 14.29 3.13
N ASP B 214 2.04 14.03 4.28
CA ASP B 214 1.52 14.57 5.55
C ASP B 214 1.80 16.07 5.70
N LEU B 215 2.78 16.59 4.98
CA LEU B 215 3.09 18.03 5.07
C LEU B 215 1.99 18.85 4.44
N TRP B 216 1.38 18.35 3.38
CA TRP B 216 0.26 19.06 2.77
C TRP B 216 -0.90 19.18 3.75
N SER B 217 -1.26 18.07 4.40
CA SER B 217 -2.37 18.09 5.35
C SER B 217 -2.10 19.08 6.48
N LEU B 218 -0.84 19.18 6.92
CA LEU B 218 -0.47 20.13 7.96
C LEU B 218 -0.75 21.56 7.52
N GLY B 219 -0.49 21.89 6.24
CA GLY B 219 -0.85 23.21 5.73
C GLY B 219 -2.35 23.44 5.68
N VAL B 220 -3.12 22.42 5.27
CA VAL B 220 -4.58 22.58 5.28
C VAL B 220 -5.08 22.83 6.69
N LEU B 221 -4.55 22.08 7.66
CA LEU B 221 -4.94 22.27 9.06
C LEU B 221 -4.59 23.65 9.56
N CYS B 222 -3.39 24.13 9.24
CA CYS B 222 -3.02 25.47 9.71
C CYS B 222 -4.01 26.51 9.19
N TYR B 223 -4.40 26.39 7.92
CA TYR B 223 -5.40 27.29 7.36
C TYR B 223 -6.75 27.12 8.05
N GLU B 224 -7.22 25.87 8.19
CA GLU B 224 -8.53 25.68 8.80
C GLU B 224 -8.56 26.15 10.24
N PHE B 225 -7.49 25.90 10.99
CA PHE B 225 -7.43 26.41 12.36
C PHE B 225 -7.63 27.92 12.41
N LEU B 226 -6.98 28.67 11.52
CA LEU B 226 -7.04 30.13 11.59
C LEU B 226 -8.30 30.71 10.98
N VAL B 227 -8.86 30.04 9.96
CA VAL B 227 -9.94 30.59 9.16
C VAL B 227 -11.28 30.00 9.55
N GLY B 228 -11.30 28.76 10.01
CA GLY B 228 -12.56 28.11 10.35
C GLY B 228 -13.18 27.30 9.23
N LYS B 229 -12.59 27.31 8.04
CA LYS B 229 -13.01 26.44 6.94
C LYS B 229 -11.77 26.08 6.16
N PRO B 230 -11.73 24.92 5.52
CA PRO B 230 -10.52 24.51 4.83
C PRO B 230 -10.37 25.25 3.51
N PRO B 231 -9.15 25.37 2.99
CA PRO B 231 -8.89 26.34 1.92
C PRO B 231 -9.51 25.99 0.58
N PHE B 232 -9.79 24.71 0.30
CA PHE B 232 -10.33 24.30 -1.00
C PHE B 232 -11.79 23.92 -0.92
N GLU B 233 -12.48 24.37 0.14
CA GLU B 233 -13.87 23.98 0.35
C GLU B 233 -14.73 24.42 -0.82
N ALA B 234 -15.60 23.51 -1.27
CA ALA B 234 -16.53 23.76 -2.36
C ALA B 234 -17.73 22.87 -2.11
N ASN B 235 -18.87 23.21 -2.72
CA ASN B 235 -20.05 22.44 -2.38
C ASN B 235 -20.25 21.21 -3.27
N THR B 236 -19.28 20.88 -4.13
CA THR B 236 -19.28 19.61 -4.85
C THR B 236 -17.90 18.97 -4.77
N TYR B 237 -17.89 17.65 -4.94
CA TYR B 237 -16.63 16.92 -4.89
C TYR B 237 -15.73 17.31 -6.05
N GLN B 238 -16.33 17.51 -7.24
CA GLN B 238 -15.52 17.81 -8.41
C GLN B 238 -14.88 19.18 -8.32
N GLU B 239 -15.60 20.17 -7.79
CA GLU B 239 -15.00 21.50 -7.62
C GLU B 239 -13.91 21.49 -6.56
N THR B 240 -14.10 20.73 -5.47
CA THR B 240 -13.04 20.63 -4.47
C THR B 240 -11.78 20.03 -5.09
N TYR B 241 -11.93 18.95 -5.86
CA TYR B 241 -10.74 18.34 -6.47
C TYR B 241 -10.07 19.30 -7.44
N LYS B 242 -10.86 20.05 -8.21
CA LYS B 242 -10.30 20.98 -9.18
C LYS B 242 -9.46 22.05 -8.47
N ARG B 243 -9.97 22.60 -7.36
CA ARG B 243 -9.23 23.64 -6.65
C ARG B 243 -7.95 23.10 -6.02
N ILE B 244 -8.02 21.89 -5.45
CA ILE B 244 -6.83 21.24 -4.92
C ILE B 244 -5.81 21.02 -6.04
N SER B 245 -6.28 20.48 -7.17
CA SER B 245 -5.39 20.15 -8.28
C SER B 245 -4.64 21.39 -8.76
N ARG B 246 -5.33 22.52 -8.85
CA ARG B 246 -4.71 23.78 -9.24
C ARG B 246 -4.10 24.56 -8.09
N VAL B 247 -4.21 24.05 -6.86
CA VAL B 247 -3.83 24.77 -5.65
C VAL B 247 -4.41 26.17 -5.69
N GLU B 248 -5.73 26.25 -5.87
CA GLU B 248 -6.43 27.52 -6.00
C GLU B 248 -7.11 27.82 -4.67
N PHE B 249 -6.61 28.83 -3.97
CA PHE B 249 -7.22 29.24 -2.71
C PHE B 249 -6.83 30.68 -2.41
N THR B 250 -7.56 31.28 -1.48
CA THR B 250 -7.34 32.66 -1.09
C THR B 250 -7.29 32.76 0.44
N PHE B 251 -6.68 33.84 0.93
CA PHE B 251 -6.60 34.13 2.35
C PHE B 251 -7.59 35.23 2.70
N PRO B 252 -8.38 35.06 3.77
CA PRO B 252 -9.09 36.22 4.33
C PRO B 252 -8.12 37.29 4.79
N ASP B 253 -8.62 38.54 4.83
CA ASP B 253 -7.77 39.66 5.19
C ASP B 253 -7.13 39.49 6.56
N PHE B 254 -7.80 38.81 7.50
CA PHE B 254 -7.27 38.73 8.85
C PHE B 254 -6.12 37.76 9.02
N VAL B 255 -5.88 36.86 8.07
CA VAL B 255 -4.75 35.95 8.20
C VAL B 255 -3.46 36.73 8.01
N THR B 256 -2.56 36.66 9.00
CA THR B 256 -1.37 37.50 9.00
C THR B 256 -0.35 36.98 8.00
N GLU B 257 0.59 37.86 7.63
CA GLU B 257 1.53 37.51 6.59
C GLU B 257 2.42 36.34 7.02
N GLY B 258 2.76 36.27 8.31
CA GLY B 258 3.57 35.17 8.79
C GLY B 258 2.87 33.82 8.64
N ALA B 259 1.57 33.78 8.95
CA ALA B 259 0.81 32.55 8.74
C ALA B 259 0.70 32.22 7.25
N ARG B 260 0.48 33.24 6.41
CA ARG B 260 0.39 33.00 4.98
C ARG B 260 1.66 32.39 4.44
N ASP B 261 2.81 32.85 4.93
CA ASP B 261 4.08 32.32 4.44
C ASP B 261 4.18 30.84 4.71
N LEU B 262 3.86 30.43 5.94
CA LEU B 262 3.96 29.02 6.29
C LEU B 262 2.97 28.19 5.49
N ILE B 263 1.70 28.64 5.42
CA ILE B 263 0.68 27.86 4.72
C ILE B 263 1.02 27.72 3.24
N SER B 264 1.48 28.81 2.61
CA SER B 264 1.81 28.73 1.18
C SER B 264 3.00 27.83 0.94
N ARG B 265 3.95 27.77 1.88
CA ARG B 265 5.08 26.87 1.68
C ARG B 265 4.64 25.42 1.75
N LEU B 266 3.64 25.13 2.57
CA LEU B 266 3.17 23.76 2.74
C LEU B 266 2.28 23.30 1.60
N LEU B 267 1.47 24.20 1.03
CA LEU B 267 0.48 23.80 0.04
C LEU B 267 1.09 23.89 -1.36
N LYS B 268 1.94 22.91 -1.67
CA LYS B 268 2.61 22.83 -2.96
C LYS B 268 2.17 21.57 -3.69
N HIS B 269 1.82 21.70 -4.97
CA HIS B 269 1.41 20.52 -5.74
C HIS B 269 2.54 19.49 -5.82
N ASN B 270 3.73 19.95 -6.15
CA ASN B 270 4.93 19.10 -6.21
C ASN B 270 5.36 18.74 -4.79
N PRO B 271 5.23 17.48 -4.36
CA PRO B 271 5.54 17.15 -2.95
C PRO B 271 6.97 17.45 -2.55
N SER B 272 7.93 17.41 -3.49
CA SER B 272 9.32 17.69 -3.13
C SER B 272 9.54 19.16 -2.83
N GLN B 273 8.64 20.04 -3.28
CA GLN B 273 8.74 21.46 -2.94
C GLN B 273 8.19 21.77 -1.55
N ARG B 274 7.49 20.83 -0.92
CA ARG B 274 7.02 21.06 0.44
C ARG B 274 8.19 21.00 1.42
N PRO B 275 8.14 21.79 2.49
CA PRO B 275 9.30 21.85 3.40
C PRO B 275 9.40 20.57 4.22
N MET B 276 10.54 20.42 4.88
CA MET B 276 10.70 19.39 5.90
C MET B 276 9.98 19.80 7.18
N LEU B 277 9.66 18.81 8.01
CA LEU B 277 8.99 19.14 9.27
C LEU B 277 9.87 20.01 10.18
N ARG B 278 11.19 19.87 10.09
CA ARG B 278 12.06 20.74 10.88
C ARG B 278 11.87 22.20 10.50
N GLU B 279 11.65 22.47 9.20
CA GLU B 279 11.43 23.84 8.77
C GLU B 279 10.13 24.40 9.30
N VAL B 280 9.10 23.56 9.46
CA VAL B 280 7.85 24.01 10.09
C VAL B 280 8.10 24.34 11.56
N LEU B 281 8.73 23.42 12.30
CA LEU B 281 9.00 23.67 13.72
C LEU B 281 9.83 24.92 13.93
N GLU B 282 10.70 25.24 12.98
CA GLU B 282 11.62 26.37 13.12
C GLU B 282 11.14 27.64 12.42
N HIS B 283 9.95 27.60 11.82
CA HIS B 283 9.41 28.77 11.15
C HIS B 283 9.22 29.91 12.17
N PRO B 284 9.60 31.14 11.83
CA PRO B 284 9.52 32.22 12.82
C PRO B 284 8.10 32.55 13.25
N TRP B 285 7.10 32.27 12.42
CA TRP B 285 5.73 32.49 12.88
C TRP B 285 5.33 31.46 13.92
N ILE B 286 5.77 30.22 13.75
CA ILE B 286 5.50 29.17 14.73
C ILE B 286 6.15 29.53 16.07
N THR B 287 7.43 29.89 16.06
CA THR B 287 8.10 30.15 17.32
C THR B 287 7.67 31.48 17.94
N ALA B 288 7.19 32.43 17.14
CA ALA B 288 6.66 33.68 17.71
C ALA B 288 5.37 33.45 18.49
N ASN B 289 4.61 32.40 18.14
CA ASN B 289 3.26 32.24 18.65
C ASN B 289 3.04 31.00 19.50
N SER B 290 3.85 29.97 19.34
CA SER B 290 3.59 28.71 20.03
C SER B 290 3.80 28.87 21.54
N SER B 291 3.03 28.13 22.32
CA SER B 291 3.41 27.99 23.71
C SER B 291 4.34 26.80 23.90
N LYS B 292 4.58 26.05 22.83
CA LYS B 292 5.48 24.90 22.83
C LYS B 292 6.65 25.13 21.89
MG MG C . -5.88 -11.41 8.97
PG ANP D . 12.82 -13.00 -4.82
O1G ANP D . 14.20 -13.54 -4.59
O2G ANP D . 12.92 -11.49 -5.31
O3G ANP D . 11.99 -13.09 -3.49
PB ANP D . 11.98 -13.33 -7.55
O1B ANP D . 10.55 -13.16 -7.97
O2B ANP D . 12.72 -11.97 -7.67
N3B ANP D . 12.02 -13.94 -5.99
PA ANP D . 12.73 -15.85 -7.67
O1A ANP D . 13.75 -15.86 -6.59
O2A ANP D . 11.29 -16.15 -7.24
O3A ANP D . 12.66 -14.44 -8.41
O5' ANP D . 13.18 -16.92 -8.73
C5' ANP D . 14.44 -17.61 -8.70
C4' ANP D . 14.58 -18.07 -10.12
O4' ANP D . 13.88 -19.32 -10.27
C3' ANP D . 13.98 -17.07 -11.10
O3' ANP D . 14.97 -16.47 -11.93
C2' ANP D . 12.94 -17.86 -11.90
O2' ANP D . 13.23 -17.83 -13.30
C1' ANP D . 12.98 -19.29 -11.35
N9 ANP D . 11.67 -19.71 -10.86
C8 ANP D . 10.98 -19.17 -9.82
N7 ANP D . 9.80 -19.71 -9.60
C5 ANP D . 9.72 -20.67 -10.61
C6 ANP D . 8.70 -21.59 -10.94
N6 ANP D . 7.55 -21.70 -10.28
N1 ANP D . 8.91 -22.40 -12.02
C2 ANP D . 10.06 -22.29 -12.69
N3 ANP D . 11.09 -21.46 -12.45
C4 ANP D . 10.84 -20.68 -11.40
C1 MLA E . 0.13 14.23 -18.70
O1A MLA E . 1.32 14.07 -19.05
O1B MLA E . -0.89 13.89 -19.34
C2 MLA E . -0.10 14.91 -17.34
C3 MLA E . -0.64 13.93 -16.31
O3A MLA E . -0.14 12.79 -16.26
O3B MLA E . -1.55 14.35 -15.56
MG MG F . 9.46 -12.85 -2.03
MG MG G . 3.96 -11.46 9.77
SD R7D H . -10.00 9.62 -2.03
CE R7D H . -10.66 10.05 -3.69
CAA R7D H . -7.52 6.76 -4.74
CAB R7D H . -9.01 7.06 -4.56
CAM R7D H . -11.23 9.22 -8.37
CAN R7D H . -10.68 10.37 -8.92
CAP R7D H . -9.50 12.43 -8.69
CAQ R7D H . -9.60 12.66 -10.05
CAR R7D H . -10.24 11.73 -10.87
CAS R7D H . -10.79 10.59 -10.30
CAY R7D H . -6.99 6.17 -3.59
CBA R7D H . -6.80 4.79 -3.50
CBB R7D H . -6.27 4.23 -2.34
CBC R7D H . -5.91 5.03 -1.26
CBD R7D H . -6.11 6.41 -1.35
CBE R7D H . -6.65 6.97 -2.51
CBF R7D H . -5.38 4.48 -0.09
CX R7D H . -11.35 9.17 -5.96
CXA R7D H . -10.71 8.82 -4.61
FBG R7D H . -6.32 3.83 0.62
FBH R7D H . -4.88 5.46 0.70
FBI R7D H . -4.41 3.63 -0.37
NAL R7D H . -10.65 8.90 -7.06
NAO R7D H . -10.06 11.26 -8.13
NX R7D H . -9.33 8.34 -4.77
OAD R7D H . -9.82 6.20 -4.22
OAZ R7D H . -7.39 5.88 -5.87
OX R7D H . -12.47 9.67 -5.99
PG ANP I . -13.78 2.19 12.61
O1G ANP I . -14.08 2.96 11.35
O2G ANP I . -12.34 1.55 12.49
O3G ANP I . -14.84 1.04 12.82
PB ANP I . -14.66 4.65 13.78
O1B ANP I . -13.81 5.72 13.18
O2B ANP I . -15.93 4.45 12.90
N3B ANP I . -13.79 3.22 13.96
PA ANP I . -13.84 5.53 16.16
O1A ANP I . -12.91 4.42 16.45
O2A ANP I . -13.18 6.73 15.46
O3A ANP I . -15.04 5.09 15.22
O5' ANP I . -14.49 5.92 17.55
C5' ANP I . -15.86 6.27 17.75
C4' ANP I . -15.83 7.61 18.44
O4' ANP I . -15.18 7.43 19.72
C3' ANP I . -15.04 8.66 17.65
O3' ANP I . -15.84 9.77 17.27
C2' ANP I . -13.88 9.07 18.57
O2' ANP I . -13.81 10.49 18.72
C1' ANP I . -14.15 8.38 19.91
N9 ANP I . -12.96 7.67 20.37
C8 ANP I . -12.31 6.66 19.71
N7 ANP I . -11.23 6.23 20.33
C5 ANP I . -11.16 7.02 21.46
C6 ANP I . -10.25 7.08 22.53
N6 ANP I . -9.20 6.27 22.64
N1 ANP I . -10.46 7.99 23.51
C2 ANP I . -11.53 8.80 23.41
N3 ANP I . -12.46 8.84 22.44
C4 ANP I . -12.21 7.94 21.50
C1 GOL J . 17.44 -0.80 -16.07
O1 GOL J . 16.12 -0.51 -16.43
C2 GOL J . 17.88 0.28 -15.06
O2 GOL J . 17.29 0.10 -13.81
C3 GOL J . 17.48 1.63 -15.70
O3 GOL J . 16.16 1.86 -15.31
C1 MLA K . 2.70 19.78 -11.14
O1A MLA K . 2.35 20.82 -10.53
O1B MLA K . 1.97 19.06 -11.88
C2 MLA K . 4.16 19.34 -10.98
C3 MLA K . 4.32 18.23 -9.93
O3A MLA K . 3.36 17.99 -9.17
O3B MLA K . 5.42 17.64 -9.92
MG MG L . -10.54 0.50 13.03
SD R7D M . 11.45 2.50 -8.03
CE R7D M . 12.48 3.98 -8.23
CAA R7D M . 9.50 5.42 -4.82
CAB R7D M . 10.91 4.94 -5.18
CAM R7D M . 14.08 8.26 -6.62
CAN R7D M . 13.56 9.05 -7.63
CAP R7D M . 11.84 10.49 -8.46
CAQ R7D M . 12.52 10.63 -9.67
CAR R7D M . 13.74 9.97 -9.86
CAS R7D M . 14.26 9.18 -8.84
CAY R7D M . 8.70 4.30 -4.58
CBA R7D M . 8.40 3.88 -3.28
CBB R7D M . 7.62 2.74 -3.08
CBC R7D M . 7.11 2.02 -4.16
CBD R7D M . 7.41 2.46 -5.45
CBE R7D M . 8.20 3.59 -5.65
CBF R7D M . 6.30 0.86 -3.98
CX R7D M . 13.53 5.93 -7.19
CXA R7D M . 12.62 4.73 -6.91
FBG R7D M . 7.04 -0.22 -3.66
FBH R7D M . 5.61 0.58 -5.11
FBI R7D M . 5.43 1.06 -3.01
NAL R7D M . 13.29 7.04 -6.46
NAO R7D M . 12.39 9.69 -7.46
NX R7D M . 11.29 5.16 -6.45
OAD R7D M . 11.61 4.39 -4.33
OAZ R7D M . 9.62 6.28 -3.69
OX R7D M . 14.40 5.84 -8.05
#